data_3PGU
#
_entry.id   3PGU
#
_cell.length_a   65.200
_cell.length_b   65.200
_cell.length_c   280.280
_cell.angle_alpha   90.00
_cell.angle_beta   90.00
_cell.angle_gamma   90.00
#
_symmetry.space_group_name_H-M   'P 41 21 2'
#
loop_
_entity.id
_entity.type
_entity.pdbx_description
1 polymer 'Long-chain fatty acid transport protein'
2 non-polymer (HYDROXYETHYLOXY)TRI(ETHYLOXY)OCTANE
3 non-polymer 'NONAETHYLENE GLYCOL'
4 non-polymer 'NICKEL (II) ION'
5 non-polymer 'SODIUM ION'
6 non-polymer 'OLEIC ACID'
7 water water
#
_entity_poly.entity_id   1
_entity_poly.type   'polypeptide(L)'
_entity_poly.pdbx_seq_one_letter_code
;AGEQLNEFSSSGLGRAYSGEGAIADDAGNVSRNPALITMFDRPTFSAGAVYIDPDVNISGTSPSGRSLKADNIAPTAWVP
NMHFVAPINDQFGWGASITSNYGLATEFNDTYAGGSVGGTTDLETMNLNLSGAYRLNNAWSFGLGFNAVYARAKIERFAG
DLGQLVAGQIMQSPAGQTQQGQALAATANGIDSNTKIAHLNGNQWGFGWNAGILYELDKNNRYALTYRSEVKIDFKGNYS
SDLNRAFNNYGLPIPTATGGATQSGYLTLNLPEMWEVSGYNRVDPQWAIHYSLAYTSWSQFQQLKATSTSGDTLFQKHEG
FKDAYRIALGTTYYYDDNWTFRTGIAFDDSPVPAQNRSISIPDQDRFWLSAGTTYAFNKDASVDVGVSYMHGQSVKINEG
PYQFESEGKAWLFGTNFNYAFHHHHHH
;
_entity_poly.pdbx_strand_id   A
#
# COMPACT_ATOMS: atom_id res chain seq x y z
N ALA A 1 -3.68 5.91 -0.86
CA ALA A 1 -4.88 5.55 -1.60
C ALA A 1 -4.69 4.24 -2.35
N GLY A 2 -5.80 3.60 -2.72
CA GLY A 2 -5.74 2.34 -3.44
C GLY A 2 -4.90 1.34 -2.68
N GLU A 3 -3.93 0.74 -3.38
CA GLU A 3 -3.06 -0.29 -2.83
C GLU A 3 -1.87 0.26 -2.07
N GLN A 4 -1.72 1.58 -2.01
N GLN A 4 -1.73 1.58 -2.02
CA GLN A 4 -0.54 2.17 -1.37
CA GLN A 4 -0.61 2.17 -1.30
C GLN A 4 -0.55 2.02 0.14
C GLN A 4 -0.62 1.77 0.17
N LEU A 5 0.57 1.57 0.71
CA LEU A 5 0.73 1.42 2.15
C LEU A 5 1.71 2.46 2.66
N ASN A 6 1.37 3.07 3.78
CA ASN A 6 2.29 4.02 4.41
C ASN A 6 3.03 3.47 5.62
N GLU A 7 2.83 2.20 5.92
CA GLU A 7 3.26 1.63 7.21
C GLU A 7 4.73 1.22 7.28
N PHE A 8 5.62 2.21 7.20
CA PHE A 8 7.06 1.95 7.25
C PHE A 8 7.61 2.05 8.68
N SER A 9 6.82 2.57 9.61
CA SER A 9 7.28 2.63 11.01
C SER A 9 6.11 2.85 11.97
N SER A 10 6.31 2.47 13.23
CA SER A 10 5.29 2.59 14.25
C SER A 10 5.21 4.00 14.85
N SER A 11 6.34 4.72 14.89
CA SER A 11 6.29 6.12 15.28
C SER A 11 5.50 6.92 14.27
N GLY A 12 5.71 6.65 12.98
CA GLY A 12 4.94 7.31 11.93
C GLY A 12 3.44 7.06 12.08
N LEU A 13 3.08 5.83 12.45
CA LEU A 13 1.69 5.46 12.63
C LEU A 13 1.00 6.37 13.65
N GLY A 14 1.71 6.72 14.71
CA GLY A 14 1.15 7.56 15.76
C GLY A 14 0.96 9.02 15.36
N ARG A 15 1.65 9.42 14.30
CA ARG A 15 1.63 10.79 13.75
C ARG A 15 0.68 10.91 12.56
N ALA A 16 0.01 9.82 12.21
CA ALA A 16 -0.75 9.73 10.96
C ALA A 16 0.16 10.00 9.73
N TYR A 17 1.42 9.60 9.82
CA TYR A 17 2.38 9.78 8.74
C TYR A 17 2.40 11.21 8.22
N SER A 18 2.64 12.13 9.14
CA SER A 18 2.63 13.56 8.85
C SER A 18 4.05 14.11 8.86
N GLY A 19 4.44 14.73 7.75
CA GLY A 19 5.76 15.34 7.62
C GLY A 19 6.89 14.32 7.68
N GLU A 20 6.64 13.13 7.13
CA GLU A 20 7.60 12.05 7.32
C GLU A 20 8.93 12.21 6.56
N GLY A 21 8.97 13.15 5.61
CA GLY A 21 10.20 13.46 4.92
C GLY A 21 11.10 14.39 5.72
N ALA A 22 10.60 14.91 6.83
CA ALA A 22 11.32 15.96 7.56
C ALA A 22 11.58 15.67 9.04
N ILE A 23 11.11 14.52 9.51
CA ILE A 23 11.37 14.15 10.91
C ILE A 23 12.39 13.02 10.97
N ALA A 24 13.31 13.09 11.92
CA ALA A 24 14.37 12.09 12.03
C ALA A 24 14.69 11.78 13.48
N ASP A 25 13.64 11.47 14.25
CA ASP A 25 13.82 11.10 15.65
C ASP A 25 14.20 9.63 15.77
N ASP A 26 13.93 8.85 14.73
CA ASP A 26 14.40 7.46 14.67
C ASP A 26 14.76 7.06 13.22
N ALA A 27 15.35 5.89 13.06
CA ALA A 27 15.93 5.49 11.76
C ALA A 27 14.88 5.25 10.68
N GLY A 28 13.62 5.04 11.06
CA GLY A 28 12.59 4.68 10.08
C GLY A 28 12.44 5.66 8.95
N ASN A 29 12.69 6.95 9.21
CA ASN A 29 12.37 7.95 8.19
C ASN A 29 13.33 7.99 6.99
N VAL A 30 14.50 7.36 7.11
CA VAL A 30 15.42 7.34 5.97
C VAL A 30 14.77 6.65 4.77
N SER A 31 13.95 5.64 5.05
CA SER A 31 13.26 4.92 3.96
C SER A 31 12.29 5.83 3.21
N ARG A 32 11.82 6.89 3.89
CA ARG A 32 10.87 7.85 3.31
C ARG A 32 11.60 9.03 2.65
N ASN A 33 12.76 9.39 3.19
CA ASN A 33 13.59 10.44 2.59
C ASN A 33 15.06 10.14 2.83
N PRO A 34 15.78 9.69 1.80
CA PRO A 34 17.18 9.28 2.01
C PRO A 34 18.08 10.44 2.46
N ALA A 35 17.70 11.68 2.15
CA ALA A 35 18.50 12.83 2.60
C ALA A 35 18.59 12.89 4.14
N LEU A 36 17.63 12.27 4.81
N LEU A 36 17.62 12.29 4.82
CA LEU A 36 17.59 12.28 6.27
CA LEU A 36 17.61 12.33 6.28
C LEU A 36 18.75 11.52 6.91
C LEU A 36 18.77 11.55 6.90
N ILE A 37 19.47 10.75 6.10
CA ILE A 37 20.67 10.06 6.57
C ILE A 37 21.65 11.02 7.25
N THR A 38 21.74 12.25 6.75
CA THR A 38 22.68 13.22 7.32
C THR A 38 22.27 13.75 8.70
N MET A 39 21.10 13.33 9.20
CA MET A 39 20.67 13.74 10.53
C MET A 39 21.15 12.76 11.62
N PHE A 40 21.84 11.69 11.21
CA PHE A 40 22.26 10.66 12.15
C PHE A 40 23.78 10.69 12.33
N ASP A 41 24.24 10.67 13.58
CA ASP A 41 25.68 10.73 13.83
C ASP A 41 26.25 9.43 14.38
N ARG A 42 25.42 8.39 14.41
N ARG A 42 25.37 8.43 14.50
CA ARG A 42 25.89 7.07 14.79
CA ARG A 42 25.71 7.12 15.03
C ARG A 42 24.97 5.99 14.23
C ARG A 42 25.03 6.08 14.15
N PRO A 43 25.50 4.77 14.05
N PRO A 43 25.47 4.81 14.23
CA PRO A 43 24.70 3.70 13.47
CA PRO A 43 24.71 3.74 13.55
C PRO A 43 23.45 3.48 14.31
C PRO A 43 23.43 3.47 14.34
N THR A 44 22.30 3.39 13.64
CA THR A 44 21.02 3.37 14.32
C THR A 44 20.11 2.36 13.63
N PHE A 45 19.46 1.53 14.44
CA PHE A 45 18.64 0.42 13.97
C PHE A 45 17.21 0.57 14.44
N SER A 46 16.25 0.12 13.64
CA SER A 46 14.87 0.11 14.08
C SER A 46 14.18 -1.07 13.42
N ALA A 47 13.25 -1.71 14.12
CA ALA A 47 12.50 -2.79 13.50
C ALA A 47 11.17 -2.97 14.21
N GLY A 48 10.17 -3.41 13.47
CA GLY A 48 8.86 -3.57 14.08
C GLY A 48 7.83 -4.06 13.09
N ALA A 49 6.57 -3.88 13.44
CA ALA A 49 5.50 -4.23 12.51
C ALA A 49 4.22 -3.50 12.82
N VAL A 50 3.37 -3.41 11.81
CA VAL A 50 2.04 -2.83 11.98
C VAL A 50 0.99 -3.87 11.60
N TYR A 51 0.01 -4.04 12.47
CA TYR A 51 -1.10 -4.94 12.23
C TYR A 51 -2.25 -4.11 11.70
N ILE A 52 -2.78 -4.48 10.54
CA ILE A 52 -3.90 -3.76 9.94
C ILE A 52 -5.15 -4.62 9.99
N ASP A 53 -6.22 -4.10 10.58
CA ASP A 53 -7.49 -4.83 10.64
C ASP A 53 -8.58 -4.04 9.92
N PRO A 54 -8.76 -4.29 8.62
CA PRO A 54 -9.78 -3.57 7.85
C PRO A 54 -11.16 -4.21 8.00
N ASP A 55 -12.19 -3.44 7.71
CA ASP A 55 -13.54 -3.96 7.65
C ASP A 55 -14.19 -3.33 6.43
N VAL A 56 -14.23 -4.10 5.35
CA VAL A 56 -14.73 -3.59 4.08
C VAL A 56 -15.92 -4.45 3.64
N ASN A 57 -17.02 -3.80 3.31
CA ASN A 57 -18.25 -4.49 2.95
C ASN A 57 -18.80 -4.01 1.60
N ILE A 58 -19.27 -4.96 0.80
CA ILE A 58 -19.83 -4.66 -0.51
C ILE A 58 -21.32 -4.95 -0.46
N SER A 59 -22.11 -4.13 -1.14
CA SER A 59 -23.55 -4.38 -1.25
C SER A 59 -24.04 -4.11 -2.66
N GLY A 60 -25.23 -4.62 -2.95
CA GLY A 60 -25.86 -4.38 -4.23
C GLY A 60 -26.70 -5.56 -4.68
N THR A 61 -27.32 -5.43 -5.85
CA THR A 61 -28.11 -6.48 -6.45
C THR A 61 -27.78 -6.54 -7.94
N SER A 62 -27.48 -7.74 -8.43
CA SER A 62 -27.19 -7.94 -9.85
C SER A 62 -28.43 -7.79 -10.73
N PRO A 63 -28.24 -7.46 -12.02
CA PRO A 63 -29.38 -7.47 -12.93
C PRO A 63 -30.00 -8.86 -13.02
N SER A 64 -29.27 -9.89 -12.62
CA SER A 64 -29.83 -11.25 -12.60
C SER A 64 -30.80 -11.46 -11.45
N GLY A 65 -30.80 -10.55 -10.48
CA GLY A 65 -31.60 -10.71 -9.28
C GLY A 65 -30.81 -11.26 -8.11
N ARG A 66 -29.61 -11.76 -8.38
CA ARG A 66 -28.76 -12.31 -7.33
C ARG A 66 -28.20 -11.19 -6.45
N SER A 67 -27.94 -11.52 -5.19
CA SER A 67 -27.36 -10.57 -4.26
C SER A 67 -25.90 -10.31 -4.61
N LEU A 68 -25.46 -9.05 -4.45
CA LEU A 68 -24.03 -8.70 -4.55
C LEU A 68 -23.47 -8.37 -3.16
N LYS A 69 -24.20 -8.74 -2.13
CA LYS A 69 -23.70 -8.53 -0.77
C LYS A 69 -22.49 -9.41 -0.48
N ALA A 70 -21.43 -8.79 0.03
CA ALA A 70 -20.25 -9.54 0.48
C ALA A 70 -19.65 -8.82 1.67
N ASP A 71 -19.74 -9.45 2.85
CA ASP A 71 -19.24 -8.83 4.06
C ASP A 71 -17.78 -9.16 4.30
N ASN A 72 -17.06 -8.19 4.87
CA ASN A 72 -15.73 -8.45 5.41
C ASN A 72 -14.78 -9.05 4.37
N ILE A 73 -14.65 -8.39 3.22
CA ILE A 73 -13.88 -8.93 2.11
C ILE A 73 -12.37 -8.71 2.21
N ALA A 74 -11.93 -7.90 3.18
CA ALA A 74 -10.51 -7.55 3.28
C ALA A 74 -9.89 -8.13 4.56
N PRO A 75 -9.03 -9.14 4.42
CA PRO A 75 -8.46 -9.77 5.63
C PRO A 75 -7.41 -8.92 6.35
N THR A 76 -7.10 -9.34 7.57
CA THR A 76 -6.09 -8.66 8.36
C THR A 76 -4.71 -8.92 7.77
N ALA A 77 -3.76 -8.07 8.12
CA ALA A 77 -2.41 -8.22 7.60
C ALA A 77 -1.40 -7.69 8.59
N TRP A 78 -0.21 -8.29 8.58
CA TRP A 78 0.93 -7.74 9.29
C TRP A 78 1.91 -7.14 8.28
N VAL A 79 2.38 -5.94 8.54
CA VAL A 79 3.36 -5.33 7.67
C VAL A 79 4.62 -5.03 8.48
N PRO A 80 5.70 -5.79 8.23
CA PRO A 80 6.94 -5.59 8.99
C PRO A 80 7.77 -4.44 8.44
N ASN A 81 8.69 -3.94 9.26
CA ASN A 81 9.66 -2.96 8.80
C ASN A 81 10.99 -3.17 9.52
N MET A 82 12.09 -2.86 8.84
N MET A 82 12.09 -2.85 8.84
CA MET A 82 13.41 -2.90 9.44
CA MET A 82 13.40 -2.90 9.47
C MET A 82 14.25 -1.80 8.80
C MET A 82 14.32 -1.90 8.79
N HIS A 83 15.10 -1.17 9.59
CA HIS A 83 15.88 -0.03 9.11
C HIS A 83 17.25 -0.01 9.73
N PHE A 84 18.25 0.39 8.95
CA PHE A 84 19.58 0.63 9.49
C PHE A 84 20.18 1.85 8.79
N VAL A 85 20.78 2.74 9.58
N VAL A 85 20.79 2.75 9.58
CA VAL A 85 21.41 3.94 9.04
CA VAL A 85 21.43 3.93 9.00
C VAL A 85 22.77 4.10 9.73
C VAL A 85 22.72 4.24 9.74
N ALA A 86 23.78 4.54 8.98
CA ALA A 86 25.07 4.82 9.60
C ALA A 86 25.87 5.88 8.86
N PRO A 87 26.53 6.75 9.61
CA PRO A 87 27.38 7.72 8.92
C PRO A 87 28.63 7.04 8.38
N ILE A 88 29.18 7.62 7.33
CA ILE A 88 30.45 7.15 6.78
C ILE A 88 31.53 8.16 7.16
N ASN A 89 31.24 9.43 6.93
CA ASN A 89 32.06 10.52 7.44
C ASN A 89 31.25 11.79 7.63
N ASP A 90 31.93 12.93 7.73
CA ASP A 90 31.24 14.18 8.01
C ASP A 90 30.27 14.55 6.91
N GLN A 91 30.53 14.05 5.71
CA GLN A 91 29.74 14.45 4.55
C GLN A 91 28.79 13.38 4.05
N PHE A 92 29.10 12.12 4.30
CA PHE A 92 28.36 11.01 3.70
C PHE A 92 27.81 10.04 4.72
N GLY A 93 26.69 9.42 4.37
CA GLY A 93 26.16 8.31 5.16
C GLY A 93 25.37 7.37 4.25
N TRP A 94 24.97 6.22 4.79
CA TRP A 94 24.18 5.29 4.03
C TRP A 94 23.10 4.67 4.90
N GLY A 95 22.19 3.94 4.27
CA GLY A 95 21.17 3.24 5.03
C GLY A 95 20.57 2.13 4.22
N ALA A 96 19.92 1.19 4.91
CA ALA A 96 19.22 0.11 4.21
C ALA A 96 17.91 -0.12 4.91
N SER A 97 16.90 -0.58 4.19
CA SER A 97 15.65 -0.90 4.87
C SER A 97 14.88 -1.98 4.16
N ILE A 98 14.03 -2.65 4.91
CA ILE A 98 13.04 -3.57 4.34
C ILE A 98 11.68 -3.07 4.79
N THR A 99 10.84 -2.71 3.82
CA THR A 99 9.51 -2.17 4.10
C THR A 99 8.53 -2.69 3.06
N SER A 100 7.27 -2.25 3.16
CA SER A 100 6.32 -2.45 2.07
C SER A 100 5.60 -1.14 1.87
N ASN A 101 5.47 -0.76 0.61
N ASN A 101 5.44 -0.72 0.63
CA ASN A 101 4.75 0.46 0.21
CA ASN A 101 4.63 0.47 0.38
C ASN A 101 3.46 0.16 -0.54
C ASN A 101 3.51 0.17 -0.63
N TYR A 102 3.20 -1.11 -0.81
CA TYR A 102 2.12 -1.50 -1.71
C TYR A 102 1.60 -2.87 -1.36
N GLY A 103 0.28 -3.01 -1.28
CA GLY A 103 -0.29 -4.32 -1.00
C GLY A 103 -1.79 -4.30 -1.02
N LEU A 104 -2.37 -5.47 -1.27
CA LEU A 104 -3.79 -5.61 -1.49
C LEU A 104 -4.21 -7.02 -1.11
N ALA A 105 -5.36 -7.15 -0.46
CA ALA A 105 -5.98 -8.45 -0.31
C ALA A 105 -7.48 -8.32 -0.16
N THR A 106 -8.22 -8.92 -1.08
CA THR A 106 -9.65 -9.11 -0.90
C THR A 106 -10.02 -10.54 -1.25
N GLU A 107 -11.12 -11.01 -0.68
CA GLU A 107 -11.56 -12.38 -0.94
C GLU A 107 -13.07 -12.42 -0.88
N PHE A 108 -13.67 -13.00 -1.91
CA PHE A 108 -15.10 -13.24 -1.99
C PHE A 108 -15.33 -14.74 -2.04
N ASN A 109 -16.50 -15.18 -1.58
CA ASN A 109 -16.89 -16.58 -1.73
C ASN A 109 -16.87 -16.95 -3.20
N ASP A 110 -16.45 -18.18 -3.52
CA ASP A 110 -16.36 -18.51 -4.93
C ASP A 110 -17.71 -18.73 -5.64
N THR A 111 -18.82 -18.65 -4.88
CA THR A 111 -20.14 -18.72 -5.49
C THR A 111 -20.80 -17.34 -5.61
N TYR A 112 -20.05 -16.30 -5.25
CA TYR A 112 -20.51 -14.90 -5.35
C TYR A 112 -21.00 -14.57 -6.75
N ALA A 113 -22.14 -13.90 -6.84
CA ALA A 113 -22.74 -13.60 -8.15
C ALA A 113 -21.85 -12.68 -9.00
N GLY A 114 -21.06 -11.85 -8.34
CA GLY A 114 -20.15 -10.93 -9.03
C GLY A 114 -18.75 -11.50 -9.15
N GLY A 115 -18.65 -12.83 -9.19
CA GLY A 115 -17.35 -13.51 -9.14
C GLY A 115 -16.37 -13.19 -10.26
N SER A 116 -16.87 -12.76 -11.40
CA SER A 116 -16.00 -12.39 -12.53
C SER A 116 -15.16 -11.15 -12.22
N VAL A 117 -15.60 -10.39 -11.22
CA VAL A 117 -14.84 -9.22 -10.76
C VAL A 117 -14.57 -9.30 -9.25
N GLY A 118 -14.95 -10.43 -8.65
CA GLY A 118 -14.72 -10.68 -7.23
C GLY A 118 -13.60 -11.68 -7.00
N GLY A 119 -13.95 -12.93 -6.71
CA GLY A 119 -12.95 -13.97 -6.47
C GLY A 119 -11.95 -13.59 -5.39
N THR A 120 -10.66 -13.80 -5.66
N THR A 120 -10.66 -13.79 -5.70
CA THR A 120 -9.63 -13.46 -4.69
CA THR A 120 -9.59 -13.50 -4.77
C THR A 120 -8.47 -12.73 -5.35
C THR A 120 -8.56 -12.62 -5.45
N THR A 121 -7.98 -11.69 -4.69
CA THR A 121 -6.91 -10.86 -5.20
C THR A 121 -5.94 -10.61 -4.06
N ASP A 122 -4.73 -11.11 -4.19
CA ASP A 122 -3.74 -10.95 -3.15
C ASP A 122 -2.45 -10.48 -3.78
N LEU A 123 -1.99 -9.29 -3.37
N LEU A 123 -2.04 -9.26 -3.42
CA LEU A 123 -0.76 -8.76 -3.91
CA LEU A 123 -0.78 -8.72 -3.87
C LEU A 123 0.13 -8.25 -2.78
C LEU A 123 0.04 -8.36 -2.65
N GLU A 124 1.22 -8.96 -2.54
CA GLU A 124 2.12 -8.63 -1.44
C GLU A 124 3.45 -8.17 -2.01
N THR A 125 4.02 -7.12 -1.45
CA THR A 125 5.32 -6.64 -1.92
C THR A 125 6.27 -6.36 -0.78
N MET A 126 7.55 -6.63 -1.05
CA MET A 126 8.63 -6.34 -0.11
C MET A 126 9.59 -5.43 -0.81
N ASN A 127 9.84 -4.25 -0.23
CA ASN A 127 10.76 -3.29 -0.81
C ASN A 127 12.10 -3.35 -0.08
N LEU A 128 13.15 -3.75 -0.80
CA LEU A 128 14.50 -3.68 -0.25
C LEU A 128 15.13 -2.40 -0.75
N ASN A 129 15.59 -1.57 0.17
CA ASN A 129 16.18 -0.30 -0.21
C ASN A 129 17.63 -0.17 0.27
N LEU A 130 18.48 0.37 -0.60
CA LEU A 130 19.80 0.85 -0.20
C LEU A 130 19.91 2.32 -0.58
N SER A 131 20.32 3.15 0.38
CA SER A 131 20.35 4.60 0.16
C SER A 131 21.68 5.21 0.56
N GLY A 132 22.01 6.34 -0.05
CA GLY A 132 23.18 7.10 0.34
C GLY A 132 22.82 8.58 0.42
N ALA A 133 23.58 9.36 1.18
CA ALA A 133 23.30 10.78 1.25
C ALA A 133 24.59 11.56 1.40
N TYR A 134 24.52 12.81 0.95
CA TYR A 134 25.62 13.77 1.00
C TYR A 134 25.13 15.04 1.68
N ARG A 135 25.87 15.52 2.69
CA ARG A 135 25.60 16.81 3.29
C ARG A 135 26.49 17.85 2.63
N LEU A 136 25.85 18.82 1.97
CA LEU A 136 26.57 19.90 1.31
C LEU A 136 27.06 20.92 2.34
N ASN A 137 26.17 21.33 3.22
CA ASN A 137 26.54 22.24 4.30
C ASN A 137 25.54 22.10 5.45
N ASN A 138 25.53 23.05 6.39
CA ASN A 138 24.62 22.94 7.51
C ASN A 138 23.16 22.92 7.10
N ALA A 139 22.86 23.51 5.95
CA ALA A 139 21.47 23.63 5.51
C ALA A 139 21.03 22.50 4.57
N TRP A 140 21.86 22.20 3.58
CA TRP A 140 21.44 21.34 2.48
C TRP A 140 21.97 19.91 2.53
N SER A 141 21.07 18.95 2.39
CA SER A 141 21.45 17.54 2.21
C SER A 141 20.70 16.92 1.04
N PHE A 142 21.33 15.92 0.43
CA PHE A 142 20.76 15.24 -0.73
C PHE A 142 20.90 13.74 -0.58
N GLY A 143 19.85 13.00 -0.95
CA GLY A 143 19.89 11.55 -0.84
C GLY A 143 19.34 10.85 -2.07
N LEU A 144 19.84 9.63 -2.30
CA LEU A 144 19.42 8.81 -3.43
C LEU A 144 19.33 7.38 -2.96
N GLY A 145 18.27 6.69 -3.36
CA GLY A 145 18.09 5.30 -2.99
C GLY A 145 17.73 4.42 -4.16
N PHE A 146 18.06 3.14 -4.04
CA PHE A 146 17.68 2.17 -5.04
C PHE A 146 16.84 1.08 -4.40
N ASN A 147 15.83 0.63 -5.14
CA ASN A 147 14.83 -0.26 -4.60
C ASN A 147 14.71 -1.53 -5.40
N ALA A 148 14.78 -2.67 -4.72
CA ALA A 148 14.45 -3.95 -5.33
C ALA A 148 13.16 -4.42 -4.68
N VAL A 149 12.14 -4.63 -5.49
CA VAL A 149 10.81 -4.96 -5.01
C VAL A 149 10.45 -6.39 -5.36
N TYR A 150 10.13 -7.19 -4.35
CA TYR A 150 9.70 -8.57 -4.59
C TYR A 150 8.18 -8.63 -4.46
N ALA A 151 7.52 -8.97 -5.56
CA ALA A 151 6.06 -8.94 -5.61
C ALA A 151 5.50 -10.33 -5.79
N ARG A 152 4.45 -10.63 -5.02
N ARG A 152 4.51 -10.67 -4.97
CA ARG A 152 3.85 -11.96 -5.02
CA ARG A 152 3.82 -11.94 -5.09
C ARG A 152 2.33 -11.83 -5.12
C ARG A 152 2.36 -11.65 -5.41
N ALA A 153 1.76 -12.31 -6.22
N ALA A 153 1.80 -12.41 -6.35
CA ALA A 153 0.36 -12.09 -6.53
CA ALA A 153 0.40 -12.22 -6.72
C ALA A 153 -0.42 -13.38 -6.82
C ALA A 153 -0.36 -13.53 -6.68
N LYS A 154 -1.62 -13.46 -6.24
CA LYS A 154 -2.55 -14.55 -6.50
C LYS A 154 -3.88 -13.92 -6.87
N ILE A 155 -4.38 -14.23 -8.06
CA ILE A 155 -5.61 -13.64 -8.54
C ILE A 155 -6.49 -14.75 -9.09
N GLU A 156 -7.72 -14.84 -8.62
CA GLU A 156 -8.68 -15.81 -9.17
C GLU A 156 -10.01 -15.13 -9.45
N ARG A 157 -10.63 -15.49 -10.57
N ARG A 157 -10.62 -15.49 -10.58
CA ARG A 157 -11.95 -14.97 -10.92
CA ARG A 157 -11.94 -14.99 -10.92
C ARG A 157 -12.85 -16.13 -11.32
C ARG A 157 -12.85 -16.15 -11.29
N PHE A 158 -14.15 -15.97 -11.07
CA PHE A 158 -15.12 -17.04 -11.29
C PHE A 158 -16.28 -16.55 -12.15
N ALA A 159 -17.09 -17.49 -12.66
CA ALA A 159 -18.16 -17.10 -13.56
C ALA A 159 -19.21 -16.23 -12.86
N GLY A 160 -19.46 -16.50 -11.58
CA GLY A 160 -20.56 -15.83 -10.90
C GLY A 160 -21.85 -16.05 -11.66
N ASP A 161 -22.65 -14.99 -11.80
CA ASP A 161 -23.92 -15.12 -12.50
C ASP A 161 -23.87 -14.73 -13.99
N LEU A 162 -22.69 -14.69 -14.58
CA LEU A 162 -22.61 -14.23 -15.97
C LEU A 162 -23.47 -15.06 -16.91
N GLY A 163 -23.47 -16.37 -16.72
CA GLY A 163 -24.26 -17.24 -17.58
C GLY A 163 -25.75 -16.93 -17.46
N GLN A 164 -26.16 -16.49 -16.27
CA GLN A 164 -27.55 -16.12 -16.05
C GLN A 164 -27.91 -14.82 -16.78
N LEU A 165 -26.97 -13.88 -16.79
CA LEU A 165 -27.17 -12.64 -17.53
C LEU A 165 -27.27 -12.93 -19.02
N VAL A 166 -26.40 -13.79 -19.53
CA VAL A 166 -26.47 -14.20 -20.93
C VAL A 166 -27.79 -14.89 -21.25
N ALA A 167 -28.20 -15.82 -20.40
CA ALA A 167 -29.46 -16.52 -20.58
C ALA A 167 -30.63 -15.55 -20.69
N GLY A 168 -30.63 -14.53 -19.83
CA GLY A 168 -31.70 -13.53 -19.83
C GLY A 168 -31.72 -12.73 -21.12
N GLN A 169 -30.54 -12.36 -21.60
CA GLN A 169 -30.41 -11.61 -22.84
C GLN A 169 -30.89 -12.43 -24.03
N ILE A 170 -30.53 -13.71 -24.07
CA ILE A 170 -30.99 -14.60 -25.12
C ILE A 170 -32.51 -14.73 -25.08
N MET A 171 -33.06 -14.89 -23.88
CA MET A 171 -34.51 -15.10 -23.78
C MET A 171 -35.31 -13.86 -24.17
N GLN A 172 -34.71 -12.69 -23.99
CA GLN A 172 -35.35 -11.42 -24.31
C GLN A 172 -35.28 -11.14 -25.82
N SER A 173 -34.33 -11.78 -26.50
CA SER A 173 -34.16 -11.56 -27.93
C SER A 173 -35.15 -12.41 -28.71
N PRO A 174 -35.24 -12.19 -30.04
CA PRO A 174 -36.10 -13.03 -30.87
C PRO A 174 -35.69 -14.49 -30.79
N ALA A 175 -34.43 -14.75 -30.43
CA ALA A 175 -33.96 -16.12 -30.27
C ALA A 175 -34.69 -16.83 -29.12
N GLY A 176 -35.20 -16.06 -28.17
CA GLY A 176 -35.92 -16.63 -27.03
C GLY A 176 -37.22 -17.30 -27.42
N GLN A 177 -37.64 -17.08 -28.66
CA GLN A 177 -38.88 -17.65 -29.16
C GLN A 177 -38.65 -18.94 -29.93
N THR A 178 -37.39 -19.38 -29.99
CA THR A 178 -37.04 -20.61 -30.69
C THR A 178 -36.51 -21.68 -29.76
N GLN A 179 -36.66 -22.94 -30.18
CA GLN A 179 -36.16 -24.07 -29.42
C GLN A 179 -34.64 -24.01 -29.29
N GLN A 180 -33.97 -23.59 -30.35
CA GLN A 180 -32.51 -23.48 -30.33
C GLN A 180 -32.03 -22.39 -29.39
N GLY A 181 -32.75 -21.26 -29.37
CA GLY A 181 -32.39 -20.15 -28.51
C GLY A 181 -32.61 -20.51 -27.05
N GLN A 182 -33.69 -21.21 -26.79
CA GLN A 182 -34.00 -21.64 -25.43
C GLN A 182 -32.94 -22.61 -24.91
N ALA A 183 -32.48 -23.49 -25.79
CA ALA A 183 -31.45 -24.46 -25.42
C ALA A 183 -30.12 -23.77 -25.14
N LEU A 184 -29.81 -22.76 -25.94
CA LEU A 184 -28.59 -22.00 -25.71
C LEU A 184 -28.66 -21.23 -24.38
N ALA A 185 -29.84 -20.68 -24.08
CA ALA A 185 -30.01 -19.95 -22.82
C ALA A 185 -29.84 -20.90 -21.64
N ALA A 186 -30.40 -22.10 -21.76
CA ALA A 186 -30.26 -23.09 -20.70
C ALA A 186 -28.80 -23.45 -20.50
N THR A 187 -28.06 -23.63 -21.60
CA THR A 187 -26.64 -23.95 -21.51
C THR A 187 -25.87 -22.85 -20.76
N ALA A 188 -26.18 -21.60 -21.08
CA ALA A 188 -25.54 -20.48 -20.42
C ALA A 188 -25.89 -20.44 -18.92
N ASN A 189 -27.17 -20.60 -18.62
CA ASN A 189 -27.64 -20.56 -17.24
C ASN A 189 -27.06 -21.68 -16.40
N GLY A 190 -26.77 -22.81 -17.03
CA GLY A 190 -26.25 -23.97 -16.35
C GLY A 190 -24.80 -23.89 -15.88
N ILE A 191 -24.09 -22.83 -16.28
CA ILE A 191 -22.71 -22.63 -15.83
C ILE A 191 -22.63 -22.36 -14.32
N ASP A 192 -21.92 -23.22 -13.59
CA ASP A 192 -21.76 -23.07 -12.15
C ASP A 192 -21.09 -21.72 -11.82
N SER A 193 -21.61 -21.04 -10.80
N SER A 193 -21.61 -21.06 -10.79
CA SER A 193 -21.04 -19.76 -10.39
CA SER A 193 -21.07 -19.80 -10.33
C SER A 193 -19.59 -19.89 -9.91
C SER A 193 -19.59 -19.92 -9.96
N ASN A 194 -19.23 -21.07 -9.42
CA ASN A 194 -17.86 -21.29 -8.94
C ASN A 194 -16.91 -21.87 -10.01
N THR A 195 -17.32 -21.78 -11.26
CA THR A 195 -16.46 -22.13 -12.39
C THR A 195 -15.33 -21.10 -12.44
N LYS A 196 -14.09 -21.56 -12.34
CA LYS A 196 -12.94 -20.65 -12.40
C LYS A 196 -12.72 -20.21 -13.85
N ILE A 197 -12.64 -18.90 -14.06
CA ILE A 197 -12.51 -18.35 -15.42
C ILE A 197 -11.20 -17.60 -15.67
N ALA A 198 -10.44 -17.36 -14.61
CA ALA A 198 -9.15 -16.69 -14.73
C ALA A 198 -8.30 -16.98 -13.51
N HIS A 199 -7.00 -17.10 -13.73
CA HIS A 199 -6.10 -17.46 -12.65
C HIS A 199 -4.71 -16.89 -12.88
N LEU A 200 -4.12 -16.31 -11.83
N LEU A 200 -4.14 -16.31 -11.82
CA LEU A 200 -2.73 -15.94 -11.87
CA LEU A 200 -2.78 -15.82 -11.85
C LEU A 200 -2.09 -16.21 -10.52
C LEU A 200 -2.04 -16.27 -10.60
N ASN A 201 -0.98 -16.93 -10.51
N ASN A 201 -0.79 -16.69 -10.78
CA ASN A 201 -0.15 -16.98 -9.32
CA ASN A 201 0.11 -16.93 -9.67
C ASN A 201 1.29 -16.75 -9.76
C ASN A 201 1.50 -16.47 -10.10
N GLY A 202 1.97 -15.82 -9.11
N GLY A 202 2.02 -15.43 -9.46
CA GLY A 202 3.31 -15.48 -9.56
CA GLY A 202 3.29 -14.88 -9.88
C GLY A 202 4.15 -14.74 -8.55
C GLY A 202 4.16 -14.36 -8.76
N ASN A 203 5.45 -14.66 -8.84
CA ASN A 203 6.44 -14.06 -7.97
C ASN A 203 7.47 -13.41 -8.89
N GLN A 204 7.74 -12.12 -8.70
CA GLN A 204 8.64 -11.43 -9.62
C GLN A 204 9.31 -10.26 -8.93
N TRP A 205 10.50 -9.90 -9.39
CA TRP A 205 11.21 -8.72 -8.86
C TRP A 205 11.11 -7.57 -9.86
N GLY A 206 11.05 -6.37 -9.34
CA GLY A 206 11.12 -5.16 -10.15
C GLY A 206 12.03 -4.18 -9.46
N PHE A 207 12.46 -3.15 -10.19
CA PHE A 207 13.39 -2.19 -9.61
C PHE A 207 12.94 -0.76 -9.77
N GLY A 208 13.37 0.09 -8.85
CA GLY A 208 13.09 1.51 -8.93
C GLY A 208 14.11 2.31 -8.16
N TRP A 209 13.89 3.62 -8.09
CA TRP A 209 14.78 4.48 -7.34
C TRP A 209 13.97 5.52 -6.59
N ASN A 210 14.59 6.15 -5.61
CA ASN A 210 13.96 7.26 -4.93
C ASN A 210 15.01 8.32 -4.59
N ALA A 211 14.54 9.53 -4.29
CA ALA A 211 15.49 10.59 -3.98
C ALA A 211 14.88 11.60 -3.03
N GLY A 212 15.72 12.41 -2.42
CA GLY A 212 15.21 13.39 -1.49
C GLY A 212 16.15 14.55 -1.33
N ILE A 213 15.57 15.69 -1.00
CA ILE A 213 16.33 16.88 -0.65
C ILE A 213 15.87 17.33 0.72
N LEU A 214 16.80 17.83 1.54
CA LEU A 214 16.46 18.30 2.86
C LEU A 214 17.07 19.68 3.02
N TYR A 215 16.26 20.62 3.48
CA TYR A 215 16.72 21.98 3.81
C TYR A 215 16.44 22.29 5.28
N GLU A 216 17.51 22.50 6.04
CA GLU A 216 17.41 22.82 7.46
C GLU A 216 17.59 24.31 7.68
N LEU A 217 16.57 24.96 8.23
CA LEU A 217 16.69 26.37 8.64
C LEU A 217 17.65 26.47 9.82
N ASP A 218 17.53 25.50 10.70
CA ASP A 218 18.36 25.35 11.89
C ASP A 218 18.06 23.96 12.48
N LYS A 219 18.58 23.66 13.66
CA LYS A 219 18.41 22.32 14.22
C LYS A 219 16.96 21.98 14.56
N ASN A 220 16.09 23.00 14.58
CA ASN A 220 14.71 22.82 15.03
C ASN A 220 13.67 22.83 13.92
N ASN A 221 14.08 23.19 12.71
CA ASN A 221 13.11 23.45 11.63
C ASN A 221 13.67 23.00 10.30
N ARG A 222 12.93 22.18 9.58
CA ARG A 222 13.43 21.71 8.29
C ARG A 222 12.31 21.29 7.37
N TYR A 223 12.64 21.28 6.08
CA TYR A 223 11.68 20.99 5.02
C TYR A 223 12.29 20.02 4.03
N ALA A 224 11.44 19.24 3.36
CA ALA A 224 11.93 18.17 2.50
C ALA A 224 11.06 18.03 1.27
N LEU A 225 11.70 17.65 0.17
CA LEU A 225 11.01 17.22 -1.04
C LEU A 225 11.54 15.84 -1.41
N THR A 226 10.64 14.89 -1.64
CA THR A 226 11.06 13.55 -2.06
C THR A 226 10.32 13.07 -3.30
N TYR A 227 10.94 12.12 -4.00
CA TYR A 227 10.33 11.46 -5.15
C TYR A 227 10.61 9.97 -5.11
N ARG A 228 9.59 9.18 -5.42
N ARG A 228 9.60 9.16 -5.38
CA ARG A 228 9.73 7.73 -5.55
CA ARG A 228 9.83 7.72 -5.54
C ARG A 228 9.28 7.35 -6.95
C ARG A 228 9.28 7.26 -6.88
N SER A 229 10.13 6.62 -7.67
CA SER A 229 9.78 6.22 -9.03
C SER A 229 8.73 5.12 -9.09
N GLU A 230 8.10 5.02 -10.24
CA GLU A 230 7.32 3.83 -10.55
C GLU A 230 8.21 2.59 -10.48
N VAL A 231 7.59 1.46 -10.21
CA VAL A 231 8.27 0.17 -10.31
C VAL A 231 7.42 -0.75 -11.17
N LYS A 232 8.00 -1.24 -12.25
CA LYS A 232 7.28 -2.17 -13.13
C LYS A 232 7.51 -3.63 -12.74
N ILE A 233 6.41 -4.34 -12.49
CA ILE A 233 6.46 -5.78 -12.20
C ILE A 233 5.79 -6.56 -13.33
N ASP A 234 6.54 -7.45 -13.94
CA ASP A 234 6.00 -8.22 -15.05
C ASP A 234 5.87 -9.69 -14.68
N PHE A 235 4.68 -10.08 -14.25
CA PHE A 235 4.40 -11.49 -13.97
C PHE A 235 4.30 -12.26 -15.27
N LYS A 236 5.03 -13.36 -15.35
CA LYS A 236 4.91 -14.25 -16.50
C LYS A 236 4.88 -15.71 -16.06
N GLY A 237 4.05 -16.49 -16.73
CA GLY A 237 3.90 -17.90 -16.40
C GLY A 237 5.21 -18.67 -16.52
N ARG A 245 16.82 -31.62 -13.22
CA ARG A 245 17.21 -32.28 -11.99
C ARG A 245 16.11 -33.21 -11.49
N ALA A 246 16.18 -34.51 -11.77
CA ALA A 246 17.23 -35.17 -12.58
C ALA A 246 18.58 -35.41 -11.89
N PHE A 247 19.23 -34.34 -11.44
CA PHE A 247 20.60 -34.44 -10.92
C PHE A 247 20.93 -35.55 -9.88
N ASN A 248 20.36 -35.59 -8.67
CA ASN A 248 19.14 -34.96 -8.12
C ASN A 248 18.01 -35.98 -8.03
N ASN A 249 17.79 -36.66 -9.15
CA ASN A 249 17.06 -37.92 -9.15
C ASN A 249 18.11 -38.99 -9.39
N TYR A 250 19.38 -38.57 -9.27
CA TYR A 250 20.55 -39.41 -9.53
C TYR A 250 20.63 -39.82 -11.00
N GLY A 251 20.02 -39.03 -11.87
CA GLY A 251 20.05 -39.32 -13.29
C GLY A 251 18.67 -39.52 -13.89
N LEU A 252 17.77 -40.12 -13.12
CA LEU A 252 16.41 -40.36 -13.58
C LEU A 252 15.38 -39.61 -12.74
N GLN A 263 4.10 -21.18 -11.26
CA GLN A 263 3.92 -19.85 -11.84
C GLN A 263 2.96 -19.97 -13.03
N SER A 264 1.85 -19.24 -12.97
CA SER A 264 0.85 -19.32 -14.03
C SER A 264 0.23 -17.94 -14.25
N GLY A 265 0.11 -17.52 -15.52
CA GLY A 265 -0.54 -16.26 -15.81
C GLY A 265 0.39 -15.07 -16.04
N TYR A 266 -0.14 -14.07 -16.73
CA TYR A 266 0.64 -12.91 -17.12
C TYR A 266 -0.06 -11.64 -16.68
N LEU A 267 0.71 -10.70 -16.17
CA LEU A 267 0.19 -9.39 -15.79
C LEU A 267 1.33 -8.40 -15.62
N THR A 268 1.19 -7.22 -16.22
CA THR A 268 2.13 -6.15 -16.01
C THR A 268 1.51 -5.18 -15.03
N LEU A 269 2.18 -4.97 -13.91
CA LEU A 269 1.68 -4.10 -12.86
C LEU A 269 2.67 -2.98 -12.60
N ASN A 270 2.21 -1.74 -12.66
CA ASN A 270 3.09 -0.59 -12.43
C ASN A 270 2.79 0.00 -11.06
N LEU A 271 3.72 -0.13 -10.12
CA LEU A 271 3.54 0.51 -8.83
C LEU A 271 3.67 2.02 -9.02
N PRO A 272 2.89 2.81 -8.25
CA PRO A 272 2.77 4.24 -8.53
C PRO A 272 4.01 5.06 -8.12
N GLU A 273 4.18 6.21 -8.77
CA GLU A 273 5.22 7.15 -8.34
C GLU A 273 4.63 8.11 -7.32
N MET A 274 5.48 8.69 -6.47
CA MET A 274 4.97 9.57 -5.41
C MET A 274 5.92 10.72 -5.14
N TRP A 275 5.38 11.93 -5.12
CA TRP A 275 6.12 13.11 -4.69
C TRP A 275 5.62 13.47 -3.30
N GLU A 276 6.50 13.98 -2.42
CA GLU A 276 6.02 14.42 -1.12
C GLU A 276 6.81 15.62 -0.62
N VAL A 277 6.09 16.64 -0.14
N VAL A 277 6.09 16.60 -0.08
CA VAL A 277 6.75 17.74 0.57
CA VAL A 277 6.73 17.75 0.57
C VAL A 277 6.41 17.61 2.05
C VAL A 277 6.38 17.78 2.06
N SER A 278 7.40 17.88 2.91
CA SER A 278 7.22 17.75 4.36
C SER A 278 7.83 18.92 5.09
N GLY A 279 7.22 19.26 6.22
CA GLY A 279 7.80 20.20 7.16
C GLY A 279 7.79 19.71 8.59
N TYR A 280 8.79 20.15 9.36
CA TYR A 280 8.89 19.83 10.78
C TYR A 280 9.35 21.09 11.49
N ASN A 281 8.59 21.51 12.50
CA ASN A 281 8.96 22.66 13.33
C ASN A 281 8.91 22.32 14.79
N ARG A 282 10.07 22.31 15.43
N ARG A 282 10.09 22.26 15.41
CA ARG A 282 10.09 22.19 16.89
CA ARG A 282 10.19 22.11 16.85
C ARG A 282 9.94 23.57 17.50
C ARG A 282 10.14 23.50 17.46
N VAL A 283 8.71 23.88 17.90
N VAL A 283 8.93 23.92 17.82
CA VAL A 283 8.34 25.25 18.26
CA VAL A 283 8.67 25.30 18.21
C VAL A 283 8.65 25.54 19.73
C VAL A 283 9.02 25.56 19.67
N ASP A 284 9.03 24.49 20.45
CA ASP A 284 9.31 24.58 21.88
C ASP A 284 10.12 23.35 22.23
N PRO A 285 10.95 23.40 23.28
CA PRO A 285 11.68 22.19 23.66
C PRO A 285 10.77 20.97 23.76
N GLN A 286 9.52 21.18 24.17
CA GLN A 286 8.60 20.08 24.39
C GLN A 286 7.61 19.79 23.26
N TRP A 287 7.63 20.61 22.20
CA TRP A 287 6.59 20.48 21.16
C TRP A 287 7.10 20.63 19.74
N ALA A 288 6.67 19.72 18.86
CA ALA A 288 6.89 19.88 17.44
C ALA A 288 5.60 19.70 16.68
N ILE A 289 5.53 20.34 15.51
N ILE A 289 5.51 20.35 15.52
CA ILE A 289 4.43 20.12 14.57
CA ILE A 289 4.44 20.07 14.58
C ILE A 289 5.02 19.69 13.24
C ILE A 289 5.09 19.57 13.30
N HIS A 290 4.34 18.80 12.53
CA HIS A 290 4.89 18.24 11.29
C HIS A 290 3.73 17.95 10.35
N TYR A 291 3.99 18.14 9.07
CA TYR A 291 2.87 18.16 8.10
C TYR A 291 3.42 17.85 6.72
N SER A 292 2.54 17.38 5.84
CA SER A 292 2.99 17.02 4.51
C SER A 292 1.85 17.03 3.52
N LEU A 293 2.24 17.19 2.25
CA LEU A 293 1.36 16.99 1.11
C LEU A 293 2.06 15.98 0.22
N ALA A 294 1.37 14.91 -0.12
CA ALA A 294 1.94 13.89 -0.99
C ALA A 294 1.04 13.72 -2.20
N TYR A 295 1.66 13.52 -3.35
CA TYR A 295 0.95 13.36 -4.61
C TYR A 295 1.37 12.06 -5.28
N THR A 296 0.40 11.19 -5.52
CA THR A 296 0.66 9.86 -6.06
C THR A 296 0.03 9.74 -7.43
N SER A 297 0.75 9.11 -8.36
N SER A 297 0.77 9.21 -8.40
CA SER A 297 0.27 9.01 -9.75
CA SER A 297 0.15 8.95 -9.69
C SER A 297 0.46 7.60 -10.35
C SER A 297 0.38 7.51 -10.14
N TRP A 298 -0.64 6.99 -10.79
CA TRP A 298 -0.59 5.64 -11.38
C TRP A 298 -0.65 5.79 -12.90
N SER A 299 -0.08 4.82 -13.60
CA SER A 299 -0.12 4.79 -15.04
C SER A 299 -1.10 3.72 -15.54
N GLN A 300 -1.89 3.17 -14.62
CA GLN A 300 -2.90 2.17 -14.96
C GLN A 300 -4.17 2.41 -14.14
N PHE A 301 -5.32 2.04 -14.71
CA PHE A 301 -6.58 2.03 -13.96
C PHE A 301 -6.71 0.71 -13.21
N GLN A 302 -7.74 0.57 -12.40
CA GLN A 302 -7.85 -0.56 -11.48
C GLN A 302 -8.49 -1.84 -12.03
N GLN A 303 -9.48 -1.70 -12.89
CA GLN A 303 -10.23 -2.87 -13.36
C GLN A 303 -9.36 -3.79 -14.20
N LEU A 304 -9.64 -5.09 -14.14
CA LEU A 304 -8.85 -6.07 -14.88
C LEU A 304 -9.67 -6.64 -16.04
N LYS A 305 -9.00 -6.83 -17.17
CA LYS A 305 -9.59 -7.58 -18.26
C LYS A 305 -8.79 -8.87 -18.39
N ALA A 306 -9.49 -9.99 -18.60
CA ALA A 306 -8.78 -11.26 -18.73
C ALA A 306 -9.04 -11.83 -20.12
N THR A 307 -7.96 -12.34 -20.73
CA THR A 307 -8.06 -13.18 -21.91
C THR A 307 -7.19 -14.39 -21.63
N SER A 308 -7.01 -15.27 -22.61
CA SER A 308 -6.15 -16.41 -22.37
C SER A 308 -5.24 -16.68 -23.55
N THR A 309 -4.10 -17.30 -23.26
CA THR A 309 -3.23 -17.77 -24.30
C THR A 309 -2.74 -19.15 -23.90
N SER A 310 -3.08 -20.13 -24.73
CA SER A 310 -2.78 -21.53 -24.44
C SER A 310 -3.28 -21.96 -23.06
N GLY A 311 -4.46 -21.45 -22.68
CA GLY A 311 -5.08 -21.82 -21.43
C GLY A 311 -4.59 -21.05 -20.20
N ASP A 312 -3.53 -20.26 -20.36
CA ASP A 312 -3.04 -19.43 -19.27
C ASP A 312 -3.69 -18.06 -19.33
N THR A 313 -3.94 -17.45 -18.18
CA THR A 313 -4.65 -16.17 -18.18
C THR A 313 -3.72 -15.01 -18.48
N LEU A 314 -4.18 -14.13 -19.37
N LEU A 314 -4.14 -14.16 -19.39
CA LEU A 314 -3.54 -12.84 -19.59
CA LEU A 314 -3.51 -12.85 -19.55
C LEU A 314 -4.40 -11.76 -18.94
C LEU A 314 -4.40 -11.80 -18.92
N PHE A 315 -3.92 -11.19 -17.83
CA PHE A 315 -4.64 -10.09 -17.20
C PHE A 315 -4.06 -8.77 -17.70
N GLN A 316 -4.93 -7.79 -17.92
CA GLN A 316 -4.48 -6.47 -18.33
C GLN A 316 -5.27 -5.39 -17.61
N LYS A 317 -4.56 -4.36 -17.13
CA LYS A 317 -5.23 -3.15 -16.66
C LYS A 317 -5.25 -2.12 -17.79
N HIS A 318 -6.27 -1.25 -17.81
CA HIS A 318 -6.27 -0.15 -18.79
C HIS A 318 -5.13 0.83 -18.56
N GLU A 319 -4.43 1.22 -19.62
CA GLU A 319 -3.38 2.23 -19.50
C GLU A 319 -4.00 3.63 -19.45
N GLY A 320 -3.99 4.24 -18.27
CA GLY A 320 -4.60 5.53 -18.08
C GLY A 320 -4.02 6.18 -16.85
N PHE A 321 -4.14 7.51 -16.78
CA PHE A 321 -3.60 8.29 -15.68
C PHE A 321 -4.60 8.44 -14.53
N LYS A 322 -4.17 8.08 -13.34
CA LYS A 322 -4.99 8.13 -12.13
C LYS A 322 -4.13 8.76 -11.04
N ASP A 323 -4.71 9.65 -10.23
CA ASP A 323 -3.91 10.26 -9.17
C ASP A 323 -4.67 10.39 -7.86
N ALA A 324 -3.95 10.79 -6.82
CA ALA A 324 -4.53 10.97 -5.51
C ALA A 324 -3.60 11.89 -4.74
N TYR A 325 -4.09 12.49 -3.67
CA TYR A 325 -3.18 13.23 -2.81
C TYR A 325 -3.56 13.05 -1.36
N ARG A 326 -2.58 13.25 -0.49
CA ARG A 326 -2.78 13.02 0.93
C ARG A 326 -2.21 14.20 1.65
N ILE A 327 -2.99 14.76 2.58
N ILE A 327 -2.99 14.74 2.59
CA ILE A 327 -2.52 15.84 3.45
CA ILE A 327 -2.52 15.81 3.45
C ILE A 327 -2.54 15.36 4.89
C ILE A 327 -2.48 15.25 4.86
N ALA A 328 -1.48 15.66 5.64
CA ALA A 328 -1.36 15.15 7.00
C ALA A 328 -0.75 16.19 7.92
N LEU A 329 -1.23 16.19 9.16
CA LEU A 329 -0.78 17.14 10.18
C LEU A 329 -0.72 16.45 11.51
N GLY A 330 0.36 16.64 12.24
CA GLY A 330 0.49 15.99 13.53
C GLY A 330 1.33 16.80 14.49
N THR A 331 1.37 16.35 15.73
CA THR A 331 2.16 17.05 16.73
C THR A 331 2.80 16.02 17.64
N THR A 332 3.97 16.39 18.15
CA THR A 332 4.74 15.53 19.02
C THR A 332 5.03 16.30 20.28
N TYR A 333 4.71 15.69 21.43
CA TYR A 333 4.93 16.27 22.75
C TYR A 333 6.12 15.53 23.34
N TYR A 334 7.27 16.19 23.38
CA TYR A 334 8.46 15.63 23.99
C TYR A 334 8.38 15.90 25.48
N TYR A 335 7.62 15.07 26.18
CA TYR A 335 7.26 15.32 27.57
C TYR A 335 8.48 15.36 28.49
N ASP A 336 9.29 14.31 28.44
CA ASP A 336 10.53 14.30 29.19
C ASP A 336 11.55 13.36 28.55
N ASP A 337 12.67 13.15 29.21
CA ASP A 337 13.75 12.31 28.66
C ASP A 337 13.25 10.93 28.22
N ASN A 338 12.26 10.40 28.94
CA ASN A 338 11.79 9.04 28.66
C ASN A 338 10.58 8.98 27.76
N TRP A 339 9.65 9.91 27.95
CA TRP A 339 8.34 9.82 27.32
C TRP A 339 8.11 10.85 26.21
N THR A 340 7.67 10.36 25.07
CA THR A 340 7.23 11.20 23.97
C THR A 340 5.80 10.76 23.61
N PHE A 341 4.92 11.71 23.34
CA PHE A 341 3.56 11.41 22.90
C PHE A 341 3.32 12.07 21.55
N ARG A 342 2.44 11.50 20.75
CA ARG A 342 2.19 12.06 19.43
C ARG A 342 0.75 11.82 19.00
N THR A 343 0.27 12.68 18.12
CA THR A 343 -1.05 12.46 17.54
C THR A 343 -1.05 13.03 16.15
N GLY A 344 -2.01 12.64 15.33
CA GLY A 344 -2.09 13.21 14.00
C GLY A 344 -3.41 12.98 13.32
N ILE A 345 -3.61 13.68 12.21
N ILE A 345 -3.64 13.73 12.26
CA ILE A 345 -4.83 13.59 11.42
CA ILE A 345 -4.82 13.56 11.41
C ILE A 345 -4.40 13.65 9.96
C ILE A 345 -4.34 13.56 9.97
N ALA A 346 -5.09 12.91 9.10
CA ALA A 346 -4.73 12.90 7.68
C ALA A 346 -5.94 12.67 6.83
N PHE A 347 -5.83 13.09 5.57
CA PHE A 347 -6.90 12.85 4.62
C PHE A 347 -6.28 12.46 3.30
N ASP A 348 -6.70 11.32 2.76
CA ASP A 348 -6.19 10.79 1.53
C ASP A 348 -7.33 10.82 0.52
N ASP A 349 -7.20 11.69 -0.48
CA ASP A 349 -8.27 12.00 -1.40
C ASP A 349 -8.01 11.27 -2.71
N SER A 350 -8.94 10.38 -3.06
CA SER A 350 -8.81 9.54 -4.24
C SER A 350 -10.06 9.66 -5.10
N PRO A 351 -10.01 10.55 -6.10
CA PRO A 351 -11.20 10.90 -6.88
C PRO A 351 -11.42 9.99 -8.08
N VAL A 352 -11.60 8.70 -7.84
CA VAL A 352 -11.86 7.77 -8.92
C VAL A 352 -13.35 7.77 -9.28
N PRO A 353 -13.68 7.94 -10.56
CA PRO A 353 -15.07 7.82 -11.02
C PRO A 353 -15.63 6.44 -10.66
N ALA A 354 -16.92 6.36 -10.34
CA ALA A 354 -17.53 5.07 -9.99
C ALA A 354 -17.28 3.98 -11.03
N GLN A 355 -17.35 4.36 -12.31
CA GLN A 355 -17.18 3.41 -13.40
C GLN A 355 -15.74 2.93 -13.60
N ASN A 356 -14.80 3.52 -12.85
CA ASN A 356 -13.40 3.09 -12.90
C ASN A 356 -12.93 2.39 -11.62
N ARG A 357 -13.82 2.28 -10.64
CA ARG A 357 -13.48 1.59 -9.39
C ARG A 357 -13.62 0.09 -9.53
N SER A 358 -13.11 -0.64 -8.53
CA SER A 358 -13.13 -2.10 -8.58
C SER A 358 -13.46 -2.67 -7.20
N ILE A 359 -14.37 -3.64 -7.15
CA ILE A 359 -14.70 -4.22 -5.86
C ILE A 359 -13.52 -4.97 -5.23
N SER A 360 -12.58 -5.39 -6.06
CA SER A 360 -11.45 -6.19 -5.58
C SER A 360 -10.34 -5.32 -5.01
N ILE A 361 -10.44 -4.01 -5.23
CA ILE A 361 -9.44 -3.07 -4.74
C ILE A 361 -10.10 -1.95 -3.93
N PRO A 362 -10.02 -2.03 -2.58
CA PRO A 362 -10.57 -0.94 -1.76
C PRO A 362 -9.98 0.39 -2.17
N ASP A 363 -10.84 1.34 -2.52
CA ASP A 363 -10.36 2.66 -2.90
C ASP A 363 -11.46 3.66 -2.61
N GLN A 364 -11.17 4.57 -1.70
CA GLN A 364 -12.14 5.57 -1.27
C GLN A 364 -11.36 6.62 -0.53
N ASP A 365 -11.96 7.80 -0.36
CA ASP A 365 -11.34 8.81 0.48
C ASP A 365 -11.15 8.21 1.87
N ARG A 366 -10.02 8.51 2.49
CA ARG A 366 -9.65 7.93 3.77
C ARG A 366 -9.28 9.03 4.75
N PHE A 367 -9.91 9.02 5.91
CA PHE A 367 -9.61 9.99 6.96
C PHE A 367 -8.94 9.25 8.11
N TRP A 368 -7.79 9.75 8.54
CA TRP A 368 -7.01 9.13 9.64
C TRP A 368 -7.10 9.93 10.94
N LEU A 369 -7.18 9.21 12.05
CA LEU A 369 -6.93 9.78 13.37
C LEU A 369 -5.93 8.87 14.06
N SER A 370 -4.84 9.43 14.58
CA SER A 370 -3.77 8.61 15.12
C SER A 370 -3.27 9.10 16.48
N ALA A 371 -2.72 8.17 17.26
CA ALA A 371 -2.05 8.54 18.50
C ALA A 371 -0.92 7.56 18.76
N GLY A 372 0.09 8.01 19.50
CA GLY A 372 1.22 7.14 19.77
C GLY A 372 2.05 7.61 20.93
N THR A 373 2.99 6.75 21.36
CA THR A 373 3.91 7.09 22.41
C THR A 373 5.22 6.37 22.19
N THR A 374 6.30 6.94 22.71
CA THR A 374 7.60 6.29 22.67
C THR A 374 8.14 6.32 24.09
N TYR A 375 8.74 5.23 24.52
CA TYR A 375 9.42 5.19 25.81
C TYR A 375 10.88 4.89 25.55
N ALA A 376 11.76 5.78 26.01
CA ALA A 376 13.18 5.61 25.86
C ALA A 376 13.75 5.09 27.19
N PHE A 377 14.37 3.93 27.13
CA PHE A 377 15.00 3.33 28.32
C PHE A 377 16.24 4.13 28.68
N ASN A 378 16.91 4.63 27.65
CA ASN A 378 18.09 5.46 27.80
C ASN A 378 18.34 6.11 26.45
N LYS A 379 19.49 6.77 26.30
CA LYS A 379 19.81 7.49 25.07
C LYS A 379 20.01 6.57 23.87
N ASP A 380 20.12 5.26 24.11
CA ASP A 380 20.41 4.32 23.05
C ASP A 380 19.21 3.50 22.57
N ALA A 381 18.23 3.29 23.43
CA ALA A 381 17.19 2.29 23.16
C ALA A 381 15.80 2.81 23.48
N SER A 382 14.84 2.52 22.61
CA SER A 382 13.47 2.96 22.83
C SER A 382 12.46 2.05 22.14
N VAL A 383 11.20 2.17 22.55
N VAL A 383 11.21 2.17 22.55
CA VAL A 383 10.12 1.43 21.93
CA VAL A 383 10.10 1.43 21.94
C VAL A 383 8.98 2.39 21.57
C VAL A 383 9.02 2.43 21.56
N ASP A 384 8.49 2.28 20.35
CA ASP A 384 7.36 3.07 19.89
C ASP A 384 6.11 2.20 19.84
N VAL A 385 4.97 2.75 20.24
CA VAL A 385 3.68 2.10 20.06
C VAL A 385 2.76 3.11 19.38
N GLY A 386 2.04 2.67 18.35
CA GLY A 386 1.15 3.55 17.63
C GLY A 386 -0.19 2.91 17.31
N VAL A 387 -1.22 3.74 17.20
CA VAL A 387 -2.53 3.28 16.81
C VAL A 387 -3.15 4.30 15.88
N SER A 388 -3.92 3.82 14.92
N SER A 388 -3.87 3.81 14.88
CA SER A 388 -4.63 4.72 14.01
CA SER A 388 -4.64 4.67 13.97
C SER A 388 -5.97 4.13 13.61
C SER A 388 -6.02 4.10 13.75
N TYR A 389 -6.99 4.99 13.58
CA TYR A 389 -8.30 4.62 13.07
C TYR A 389 -8.45 5.27 11.70
N MET A 390 -8.89 4.50 10.72
N MET A 390 -8.90 4.49 10.73
CA MET A 390 -9.09 5.03 9.38
CA MET A 390 -9.12 4.98 9.39
C MET A 390 -10.53 4.86 8.92
C MET A 390 -10.59 4.86 9.04
N HIS A 391 -11.20 5.98 8.67
CA HIS A 391 -12.58 5.98 8.23
C HIS A 391 -12.59 6.11 6.71
N GLY A 392 -13.25 5.18 6.05
CA GLY A 392 -13.37 5.23 4.61
C GLY A 392 -14.70 5.78 4.18
N GLN A 393 -14.68 6.55 3.10
CA GLN A 393 -15.87 7.08 2.46
C GLN A 393 -16.65 5.94 1.82
N SER A 394 -17.98 5.99 1.94
N SER A 394 -17.98 5.98 1.92
CA SER A 394 -18.83 5.06 1.20
CA SER A 394 -18.83 5.02 1.22
C SER A 394 -18.83 5.47 -0.26
C SER A 394 -18.96 5.44 -0.24
N VAL A 395 -18.70 4.52 -1.16
CA VAL A 395 -18.60 4.85 -2.58
C VAL A 395 -19.39 3.90 -3.48
N LYS A 396 -19.78 4.41 -4.64
CA LYS A 396 -20.41 3.58 -5.64
C LYS A 396 -19.36 3.02 -6.59
N ILE A 397 -19.58 1.78 -7.03
CA ILE A 397 -18.67 1.13 -7.94
C ILE A 397 -19.49 0.55 -9.08
N ASN A 398 -19.15 0.93 -10.30
N ASN A 398 -19.14 0.89 -10.31
CA ASN A 398 -19.76 0.34 -11.48
CA ASN A 398 -19.82 0.32 -11.47
C ASN A 398 -18.69 -0.46 -12.20
C ASN A 398 -18.79 -0.45 -12.31
N GLU A 399 -18.83 -1.78 -12.22
CA GLU A 399 -17.79 -2.62 -12.78
C GLU A 399 -18.42 -3.78 -13.53
N GLY A 400 -18.07 -3.92 -14.80
CA GLY A 400 -18.71 -4.93 -15.64
C GLY A 400 -20.19 -4.63 -15.73
N PRO A 401 -21.03 -5.67 -15.64
CA PRO A 401 -22.48 -5.46 -15.75
C PRO A 401 -23.11 -5.05 -14.42
N TYR A 402 -22.30 -4.84 -13.39
CA TYR A 402 -22.80 -4.69 -12.03
C TYR A 402 -22.69 -3.29 -11.46
N GLN A 403 -23.58 -2.99 -10.51
CA GLN A 403 -23.48 -1.78 -9.70
C GLN A 403 -23.39 -2.18 -8.24
N PHE A 404 -22.39 -1.63 -7.55
CA PHE A 404 -22.15 -1.97 -6.15
C PHE A 404 -22.07 -0.70 -5.31
N GLU A 405 -22.15 -0.89 -3.99
CA GLU A 405 -21.69 0.13 -3.06
C GLU A 405 -20.69 -0.52 -2.11
N SER A 406 -19.74 0.29 -1.66
CA SER A 406 -18.71 -0.22 -0.76
C SER A 406 -18.61 0.70 0.44
N GLU A 407 -18.37 0.11 1.60
CA GLU A 407 -18.11 0.89 2.82
C GLU A 407 -16.86 0.30 3.44
N GLY A 408 -16.03 1.11 4.08
CA GLY A 408 -14.80 0.57 4.65
C GLY A 408 -14.24 1.40 5.78
N LYS A 409 -13.55 0.71 6.68
CA LYS A 409 -12.80 1.38 7.74
C LYS A 409 -11.73 0.42 8.19
N ALA A 410 -10.82 0.87 9.03
CA ALA A 410 -9.76 -0.02 9.52
C ALA A 410 -9.19 0.49 10.83
N TRP A 411 -8.63 -0.43 11.60
CA TRP A 411 -7.79 -0.07 12.74
C TRP A 411 -6.38 -0.57 12.45
N LEU A 412 -5.39 0.20 12.88
CA LEU A 412 -3.99 -0.16 12.70
C LEU A 412 -3.28 -0.03 14.02
N PHE A 413 -2.42 -1.01 14.34
CA PHE A 413 -1.67 -1.03 15.59
C PHE A 413 -0.24 -1.40 15.28
N GLY A 414 0.72 -0.69 15.87
CA GLY A 414 2.11 -0.99 15.56
C GLY A 414 3.04 -0.80 16.72
N THR A 415 4.14 -1.55 16.70
N THR A 415 4.14 -1.56 16.71
CA THR A 415 5.22 -1.33 17.67
CA THR A 415 5.23 -1.37 17.65
C THR A 415 6.60 -1.56 17.03
C THR A 415 6.56 -1.46 16.91
N ASN A 416 7.54 -0.70 17.37
CA ASN A 416 8.91 -0.77 16.87
C ASN A 416 9.86 -0.71 18.05
N PHE A 417 11.02 -1.35 17.88
CA PHE A 417 12.14 -1.19 18.80
C PHE A 417 13.24 -0.42 18.08
N ASN A 418 13.85 0.52 18.79
CA ASN A 418 14.92 1.36 18.25
CA ASN A 418 14.92 1.37 18.27
C ASN A 418 16.18 1.18 19.08
N TYR A 419 17.32 1.10 18.41
CA TYR A 419 18.59 0.95 19.13
C TYR A 419 19.72 1.65 18.39
N ALA A 420 20.48 2.48 19.10
CA ALA A 420 21.62 3.14 18.48
C ALA A 420 22.89 2.53 19.06
N PHE A 421 23.85 2.23 18.20
CA PHE A 421 25.08 1.55 18.62
C PHE A 421 26.09 2.51 19.24
N HIS A 422 27.15 1.92 19.80
CA HIS A 422 28.34 2.64 20.25
C HIS A 422 28.10 3.51 21.47
N HIS A 423 27.34 2.96 22.41
CA HIS A 423 27.20 3.56 23.74
C HIS A 423 28.59 3.77 24.33
N HIS A 424 28.85 4.99 24.79
CA HIS A 424 30.12 5.30 25.46
C HIS A 424 30.04 6.68 26.11
N HIS A 425 30.92 6.91 27.08
CA HIS A 425 30.93 8.19 27.80
C HIS A 425 32.13 8.28 28.74
#